data_5CC0
#
_entry.id   5CC0
#
_cell.length_a   50.334
_cell.length_b   72.507
_cell.length_c   104.942
_cell.angle_alpha   90.00
_cell.angle_beta   90.00
_cell.angle_gamma   90.00
#
_symmetry.space_group_name_H-M   'P 21 21 21'
#
loop_
_entity.id
_entity.type
_entity.pdbx_description
1 polymer 'AncSR2 DNA Binding Domain'
2 polymer "DNA (5'-D(*CP*GP*CP*CP*TP*CP*CP*GP*GP*GP*AP*GP*AP*GP*CP*T)-3')"
3 polymer "DNA (5'-D(*AP*GP*CP*TP*CP*TP*CP*CP*CP*GP*GP*AP*GP*GP*CP*G)-3')"
4 non-polymer 'ZINC ION'
5 water water
#
loop_
_entity_poly.entity_id
_entity_poly.type
_entity_poly.pdbx_seq_one_letter_code
_entity_poly.pdbx_strand_id
1 'polypeptide(L)'
;SNASPPQKVCLICGDEASGCHYGVLTCGSCKVFFKRAVEGQHNYLCAGRNDCIIDKIRRKNCPACRLRKCLQAGMTLGAR
KSKKL
;
A,B
2 'polydeoxyribonucleotide' (DC)(DG)(DC)(DC)(DT)(DC)(DC)(DG)(DG)(DG)(DA)(DG)(DA)(DG)(DC)(DT) C
3 'polydeoxyribonucleotide' (DA)(DG)(DC)(DT)(DC)(DT)(DC)(DC)(DC)(DG)(DG)(DA)(DG)(DG)(DC)(DG) D
#
# COMPACT_ATOMS: atom_id res chain seq x y z
N GLN A 7 -3.96 19.66 5.02
CA GLN A 7 -2.71 19.80 4.29
C GLN A 7 -2.83 19.16 2.88
N LYS A 8 -2.05 19.65 1.90
CA LYS A 8 -1.93 18.99 0.56
C LYS A 8 -3.15 18.92 -0.40
N VAL A 9 -3.27 19.92 -1.29
CA VAL A 9 -4.43 20.20 -2.19
C VAL A 9 -5.02 19.28 -3.33
N CYS A 10 -4.22 18.48 -4.08
CA CYS A 10 -4.53 17.93 -5.45
C CYS A 10 -4.64 18.96 -6.55
N LEU A 11 -3.50 19.24 -7.17
CA LEU A 11 -3.41 20.07 -8.38
C LEU A 11 -4.44 19.78 -9.50
N ILE A 12 -5.01 18.59 -9.55
CA ILE A 12 -6.00 18.31 -10.60
C ILE A 12 -7.44 18.67 -10.19
N CYS A 13 -7.98 17.97 -9.20
CA CYS A 13 -9.35 18.30 -8.79
C CYS A 13 -9.48 19.11 -7.49
N GLY A 14 -8.38 19.39 -6.80
CA GLY A 14 -8.42 20.19 -5.58
C GLY A 14 -9.02 19.60 -4.30
N ASP A 15 -9.18 18.28 -4.23
CA ASP A 15 -9.96 17.68 -3.15
C ASP A 15 -9.13 17.58 -1.87
N GLU A 16 -8.34 16.51 -1.74
CA GLU A 16 -7.24 16.50 -0.79
C GLU A 16 -6.12 15.57 -1.25
N ALA A 17 -4.88 16.05 -1.25
CA ALA A 17 -3.76 15.27 -1.76
C ALA A 17 -3.16 14.37 -0.70
N SER A 18 -2.89 13.12 -1.09
CA SER A 18 -2.19 12.17 -0.25
C SER A 18 -0.68 12.17 -0.52
N GLY A 19 -0.24 12.84 -1.57
CA GLY A 19 1.16 12.82 -1.96
C GLY A 19 1.34 12.93 -3.46
N CYS A 20 2.52 12.55 -3.94
CA CYS A 20 2.81 12.68 -5.37
C CYS A 20 2.62 11.35 -6.08
N HIS A 21 1.89 11.38 -7.18
CA HIS A 21 1.60 10.16 -7.89
C HIS A 21 1.88 10.33 -9.39
N TYR A 22 2.72 9.45 -9.93
CA TYR A 22 3.05 9.50 -11.37
C TYR A 22 3.60 10.88 -11.75
N GLY A 23 4.32 11.47 -10.80
CA GLY A 23 5.05 12.71 -11.03
C GLY A 23 4.33 14.00 -10.67
N VAL A 24 3.13 13.92 -10.11
CA VAL A 24 2.32 15.11 -9.85
C VAL A 24 1.57 14.99 -8.52
N LEU A 25 1.42 16.09 -7.78
CA LEU A 25 0.73 16.02 -6.50
C LEU A 25 -0.75 15.91 -6.74
N THR A 26 -1.34 14.78 -6.35
CA THR A 26 -2.75 14.49 -6.65
C THR A 26 -3.43 13.68 -5.54
N CYS A 27 -4.76 13.69 -5.54
CA CYS A 27 -5.56 12.91 -4.57
C CYS A 27 -5.50 11.45 -4.96
N GLY A 28 -6.24 10.60 -4.25
CA GLY A 28 -6.26 9.18 -4.56
C GLY A 28 -7.14 8.80 -5.73
N SER A 29 -8.20 9.57 -5.97
CA SER A 29 -9.16 9.23 -7.02
C SER A 29 -8.59 9.59 -8.38
N CYS A 30 -7.90 10.73 -8.45
CA CYS A 30 -7.20 11.11 -9.66
C CYS A 30 -6.05 10.16 -9.95
N LYS A 31 -5.42 9.64 -8.90
CA LYS A 31 -4.34 8.69 -9.03
C LYS A 31 -4.80 7.51 -9.83
N VAL A 32 -5.89 6.91 -9.36
CA VAL A 32 -6.39 5.69 -9.95
C VAL A 32 -7.17 5.99 -11.23
N PHE A 33 -7.74 7.18 -11.33
CA PHE A 33 -8.36 7.58 -12.59
C PHE A 33 -7.34 7.67 -13.74
N PHE A 34 -6.17 8.20 -13.45
CA PHE A 34 -5.21 8.40 -14.52
C PHE A 34 -4.62 7.08 -14.99
N LYS A 35 -4.30 6.21 -14.03
CA LYS A 35 -3.73 4.90 -14.33
C LYS A 35 -4.65 4.13 -15.27
N ARG A 36 -5.94 4.22 -15.00
CA ARG A 36 -6.95 3.51 -15.77
C ARG A 36 -7.24 4.17 -17.12
N ALA A 37 -7.19 5.50 -17.17
CA ALA A 37 -7.49 6.25 -18.41
C ALA A 37 -6.48 5.95 -19.51
N VAL A 38 -5.20 5.84 -19.15
CA VAL A 38 -4.15 5.43 -20.08
C VAL A 38 -4.21 3.98 -20.57
N GLU A 39 -4.28 3.04 -19.63
CA GLU A 39 -4.12 1.64 -19.99
C GLU A 39 -5.37 1.02 -20.57
N GLY A 40 -6.47 1.76 -20.46
CA GLY A 40 -7.75 1.23 -20.89
C GLY A 40 -8.24 1.61 -22.26
N GLN A 41 -9.20 0.83 -22.72
CA GLN A 41 -10.13 1.31 -23.71
C GLN A 41 -11.00 2.28 -22.96
N HIS A 42 -11.02 3.54 -23.36
CA HIS A 42 -11.75 4.50 -22.55
C HIS A 42 -12.87 5.17 -23.34
N ASN A 43 -12.56 5.81 -24.47
CA ASN A 43 -13.58 6.47 -25.30
C ASN A 43 -14.26 7.71 -24.66
N TYR A 44 -13.47 8.48 -23.93
CA TYR A 44 -13.89 9.76 -23.35
C TYR A 44 -14.00 10.89 -24.39
N LEU A 45 -15.08 11.67 -24.39
CA LEU A 45 -14.99 12.95 -25.10
C LEU A 45 -15.85 14.10 -24.56
N CYS A 46 -15.35 15.31 -24.77
CA CYS A 46 -15.88 16.50 -24.11
C CYS A 46 -17.13 17.02 -24.79
N ALA A 47 -18.11 17.39 -23.98
CA ALA A 47 -19.38 17.95 -24.49
C ALA A 47 -19.36 19.46 -24.40
N GLY A 48 -18.25 19.98 -23.87
CA GLY A 48 -17.97 21.41 -23.77
C GLY A 48 -17.03 21.97 -24.85
N ARG A 49 -16.18 22.91 -24.47
CA ARG A 49 -15.09 23.46 -25.29
C ARG A 49 -13.68 22.96 -24.90
N ASN A 50 -13.62 21.86 -24.16
CA ASN A 50 -12.39 21.29 -23.62
C ASN A 50 -11.67 22.16 -22.59
N ASP A 51 -12.37 23.14 -22.01
CA ASP A 51 -11.93 23.88 -20.82
C ASP A 51 -12.67 23.54 -19.50
N CYS A 52 -13.41 22.44 -19.44
CA CYS A 52 -14.27 22.13 -18.28
C CYS A 52 -13.54 22.30 -16.92
N ILE A 53 -14.23 22.91 -15.94
CA ILE A 53 -13.73 23.02 -14.57
C ILE A 53 -13.68 21.67 -13.89
N ILE A 54 -12.56 21.27 -13.32
CA ILE A 54 -12.48 19.98 -12.67
C ILE A 54 -12.31 20.19 -11.16
N ASP A 55 -13.35 19.90 -10.37
CA ASP A 55 -13.21 19.96 -8.89
C ASP A 55 -13.96 18.77 -8.27
N LYS A 56 -13.97 18.63 -6.94
CA LYS A 56 -14.44 17.37 -6.34
C LYS A 56 -15.88 17.07 -6.74
N ILE A 57 -16.70 18.11 -6.76
CA ILE A 57 -18.10 17.98 -7.11
C ILE A 57 -18.35 17.67 -8.61
N ARG A 58 -17.43 18.12 -9.46
CA ARG A 58 -17.51 17.88 -10.90
C ARG A 58 -16.54 16.87 -11.57
N ARG A 59 -15.68 16.19 -10.80
CA ARG A 59 -14.69 15.29 -11.41
C ARG A 59 -15.32 14.37 -12.46
N LYS A 60 -16.47 13.80 -12.11
CA LYS A 60 -17.14 12.79 -12.92
C LYS A 60 -17.76 13.33 -14.20
N ASN A 61 -17.85 14.64 -14.35
CA ASN A 61 -18.48 15.23 -15.53
C ASN A 61 -17.67 15.02 -16.83
N CYS A 62 -16.38 15.35 -16.80
CA CYS A 62 -15.61 15.31 -18.02
C CYS A 62 -14.28 14.62 -17.81
N PRO A 63 -14.29 13.29 -17.84
CA PRO A 63 -13.02 12.57 -17.75
C PRO A 63 -12.05 13.02 -18.86
N ALA A 64 -12.56 13.39 -20.02
CA ALA A 64 -11.69 13.88 -21.09
C ALA A 64 -10.89 15.07 -20.63
N CYS A 65 -11.53 16.06 -20.03
CA CYS A 65 -10.79 17.25 -19.54
C CYS A 65 -9.95 16.93 -18.31
N ARG A 66 -10.46 16.03 -17.48
CA ARG A 66 -9.75 15.61 -16.30
C ARG A 66 -8.48 14.94 -16.77
N LEU A 67 -8.59 14.13 -17.82
CA LEU A 67 -7.41 13.46 -18.37
C LEU A 67 -6.41 14.48 -18.99
N ARG A 68 -6.92 15.52 -19.65
CA ARG A 68 -6.07 16.61 -20.17
C ARG A 68 -5.35 17.41 -19.09
N LYS A 69 -6.02 17.67 -17.96
CA LYS A 69 -5.35 18.36 -16.87
C LYS A 69 -4.16 17.54 -16.35
N CYS A 70 -4.31 16.20 -16.30
CA CYS A 70 -3.21 15.35 -15.85
C CYS A 70 -2.01 15.44 -16.77
N LEU A 71 -2.28 15.36 -18.07
CA LEU A 71 -1.20 15.45 -19.04
C LEU A 71 -0.57 16.84 -19.04
N GLN A 72 -1.37 17.89 -18.88
CA GLN A 72 -0.79 19.23 -18.79
C GLN A 72 0.03 19.42 -17.51
N ALA A 73 -0.28 18.69 -16.46
CA ALA A 73 0.53 18.78 -15.25
C ALA A 73 1.75 17.84 -15.33
N GLY A 74 1.87 17.09 -16.43
CA GLY A 74 3.01 16.19 -16.61
C GLY A 74 2.93 14.78 -16.01
N MET A 75 1.72 14.26 -15.76
CA MET A 75 1.63 12.91 -15.22
C MET A 75 2.02 11.89 -16.28
N THR A 76 2.73 10.85 -15.87
CA THR A 76 3.11 9.80 -16.80
C THR A 76 3.31 8.46 -16.10
N LEU A 77 3.36 7.38 -16.88
CA LEU A 77 3.97 6.17 -16.34
C LEU A 77 5.30 5.90 -17.08
N GLY A 78 5.24 5.13 -18.17
CA GLY A 78 6.38 4.90 -19.05
C GLY A 78 6.38 3.46 -19.53
N ALA A 79 7.30 3.12 -20.44
CA ALA A 79 7.56 1.75 -20.93
C ALA A 79 6.47 0.70 -20.65
N GLN D 7 -9.46 -4.68 20.17
CA GLN D 7 -9.55 -5.92 19.37
C GLN D 7 -8.12 -6.31 18.80
N LYS D 8 -8.04 -6.57 17.50
CA LYS D 8 -6.75 -6.56 16.79
C LYS D 8 -5.57 -7.38 17.44
N VAL D 9 -5.56 -8.72 17.39
CA VAL D 9 -4.40 -9.43 17.99
C VAL D 9 -3.59 -10.36 17.07
N CYS D 10 -2.27 -10.16 17.14
CA CYS D 10 -1.30 -10.83 16.27
C CYS D 10 -1.16 -12.31 16.57
N LEU D 11 -1.38 -13.13 15.56
CA LEU D 11 -1.33 -14.59 15.69
C LEU D 11 0.06 -15.12 16.02
N ILE D 12 1.05 -14.26 15.95
CA ILE D 12 2.39 -14.70 16.24
C ILE D 12 2.76 -14.28 17.67
N CYS D 13 2.81 -12.96 17.93
CA CYS D 13 3.27 -12.50 19.24
C CYS D 13 2.20 -12.04 20.26
N GLY D 14 0.91 -12.04 19.89
CA GLY D 14 -0.12 -11.52 20.78
C GLY D 14 -0.25 -9.99 20.89
N ASP D 15 0.69 -9.26 20.28
CA ASP D 15 0.63 -7.80 20.30
C ASP D 15 -0.51 -7.31 19.42
N GLU D 16 -0.70 -6.00 19.34
CA GLU D 16 -1.81 -5.47 18.59
C GLU D 16 -1.58 -5.65 17.10
N ALA D 17 -2.53 -6.31 16.43
CA ALA D 17 -2.43 -6.57 14.99
C ALA D 17 -2.80 -5.33 14.20
N SER D 18 -2.03 -5.03 13.16
CA SER D 18 -2.40 -3.93 12.27
C SER D 18 -3.09 -4.39 10.96
N GLY D 19 -3.23 -5.70 10.76
CA GLY D 19 -3.94 -6.22 9.60
C GLY D 19 -3.38 -7.55 9.13
N CYS D 20 -3.81 -8.01 7.97
CA CYS D 20 -3.36 -9.30 7.47
C CYS D 20 -2.15 -9.16 6.53
N HIS D 21 -1.03 -9.75 6.95
CA HIS D 21 0.22 -9.57 6.24
C HIS D 21 0.79 -10.93 5.85
N TYR D 22 1.07 -11.09 4.56
CA TYR D 22 1.67 -12.30 4.01
C TYR D 22 0.80 -13.50 4.29
N GLY D 23 -0.49 -13.22 4.48
CA GLY D 23 -1.52 -14.23 4.56
C GLY D 23 -2.00 -14.53 5.96
N VAL D 24 -1.58 -13.73 6.93
CA VAL D 24 -1.83 -14.04 8.35
C VAL D 24 -1.96 -12.74 9.13
N LEU D 25 -2.85 -12.70 10.11
CA LEU D 25 -3.07 -11.48 10.89
C LEU D 25 -1.96 -11.27 11.91
N THR D 26 -1.22 -10.15 11.79
CA THR D 26 0.03 -9.93 12.56
C THR D 26 0.26 -8.46 12.91
N CYS D 27 1.16 -8.18 13.86
CA CYS D 27 1.52 -6.78 14.16
C CYS D 27 2.48 -6.25 13.11
N GLY D 28 2.87 -4.98 13.26
CA GLY D 28 3.77 -4.34 12.31
C GLY D 28 5.14 -4.96 12.40
N SER D 29 5.61 -5.13 13.63
CA SER D 29 6.95 -5.64 13.86
C SER D 29 7.09 -7.07 13.34
N CYS D 30 6.06 -7.91 13.48
CA CYS D 30 6.16 -9.27 12.98
C CYS D 30 6.14 -9.30 11.43
N LYS D 31 5.42 -8.38 10.81
CA LYS D 31 5.39 -8.22 9.34
C LYS D 31 6.78 -7.96 8.77
N VAL D 32 7.49 -7.01 9.34
CA VAL D 32 8.84 -6.69 8.87
C VAL D 32 9.88 -7.67 9.37
N PHE D 33 9.63 -8.32 10.51
CA PHE D 33 10.55 -9.35 10.95
C PHE D 33 10.53 -10.48 9.93
N PHE D 34 9.37 -10.80 9.42
CA PHE D 34 9.27 -11.92 8.52
C PHE D 34 9.97 -11.64 7.19
N LYS D 35 9.65 -10.51 6.58
CA LYS D 35 10.26 -10.13 5.32
C LYS D 35 11.78 -10.17 5.44
N ARG D 36 12.31 -9.66 6.54
CA ARG D 36 13.76 -9.66 6.74
C ARG D 36 14.34 -11.07 6.95
N ALA D 37 13.54 -11.94 7.57
CA ALA D 37 14.02 -13.28 7.89
C ALA D 37 14.21 -14.11 6.63
N VAL D 38 13.26 -14.01 5.71
CA VAL D 38 13.31 -14.72 4.44
C VAL D 38 14.42 -14.20 3.51
N GLU D 39 14.41 -12.90 3.26
CA GLU D 39 15.28 -12.26 2.27
C GLU D 39 16.73 -12.09 2.67
N GLY D 40 17.00 -11.91 3.95
CA GLY D 40 18.30 -11.42 4.35
C GLY D 40 19.17 -12.46 5.00
N GLN D 41 20.41 -12.04 5.27
CA GLN D 41 21.48 -12.83 5.89
C GLN D 41 21.34 -12.87 7.41
N HIS D 42 21.22 -14.06 7.99
CA HIS D 42 20.63 -14.13 9.34
C HIS D 42 21.15 -15.08 10.43
N ASN D 43 21.22 -16.38 10.22
CA ASN D 43 21.82 -17.26 11.24
C ASN D 43 21.01 -17.39 12.51
N TYR D 44 19.76 -17.83 12.41
CA TYR D 44 18.96 -17.96 13.60
C TYR D 44 19.10 -19.36 14.17
N LEU D 45 19.33 -19.46 15.46
CA LEU D 45 19.39 -20.76 16.12
C LEU D 45 18.72 -20.77 17.48
N CYS D 46 17.81 -21.70 17.72
CA CYS D 46 17.18 -21.76 19.02
C CYS D 46 18.18 -22.30 20.04
N ALA D 47 18.26 -21.69 21.21
CA ALA D 47 19.11 -22.18 22.31
C ALA D 47 18.30 -22.97 23.33
N GLY D 48 17.01 -23.11 23.05
CA GLY D 48 16.10 -23.94 23.83
C GLY D 48 15.76 -25.27 23.18
N ARG D 49 14.51 -25.66 23.35
CA ARG D 49 13.92 -26.86 22.75
C ARG D 49 13.07 -26.67 21.47
N ASN D 50 13.11 -25.49 20.86
CA ASN D 50 12.22 -25.05 19.75
C ASN D 50 10.77 -24.86 20.17
N ASP D 51 10.59 -24.69 21.47
CA ASP D 51 9.31 -24.38 22.07
C ASP D 51 9.12 -22.95 22.55
N CYS D 52 10.05 -22.04 22.24
CA CYS D 52 10.11 -20.77 22.97
C CYS D 52 8.77 -20.01 22.93
N ILE D 53 8.44 -19.37 24.04
CA ILE D 53 7.25 -18.52 24.13
C ILE D 53 7.47 -17.27 23.28
N ILE D 54 6.54 -16.95 22.39
CA ILE D 54 6.70 -15.73 21.62
C ILE D 54 5.61 -14.73 22.00
N ASP D 55 5.99 -13.66 22.70
CA ASP D 55 5.06 -12.58 23.09
C ASP D 55 5.79 -11.23 23.07
N LYS D 56 5.09 -10.12 23.32
CA LYS D 56 5.67 -8.80 23.01
C LYS D 56 6.98 -8.59 23.77
N ILE D 57 7.07 -9.12 24.97
CA ILE D 57 8.22 -8.85 25.81
C ILE D 57 9.43 -9.72 25.42
N ARG D 58 9.16 -10.97 25.02
CA ARG D 58 10.20 -11.94 24.62
C ARG D 58 10.42 -12.14 23.10
N ARG D 59 9.71 -11.37 22.30
CA ARG D 59 9.79 -11.43 20.85
C ARG D 59 11.23 -11.57 20.29
N LYS D 60 12.12 -10.70 20.76
CA LYS D 60 13.50 -10.59 20.30
C LYS D 60 14.40 -11.74 20.76
N ASN D 61 14.04 -12.41 21.85
CA ASN D 61 14.83 -13.51 22.38
C ASN D 61 15.19 -14.65 21.38
N CYS D 62 14.19 -15.19 20.71
CA CYS D 62 14.42 -16.31 19.79
C CYS D 62 13.82 -16.09 18.43
N PRO D 63 14.56 -15.41 17.54
CA PRO D 63 14.11 -15.33 16.14
C PRO D 63 13.87 -16.72 15.50
N ALA D 64 14.61 -17.76 15.88
CA ALA D 64 14.33 -19.06 15.24
C ALA D 64 12.88 -19.50 15.49
N CYS D 65 12.48 -19.46 16.75
CA CYS D 65 11.11 -19.83 17.10
C CYS D 65 10.09 -18.83 16.55
N ARG D 66 10.45 -17.55 16.50
CA ARG D 66 9.55 -16.57 15.94
C ARG D 66 9.31 -16.88 14.45
N LEU D 67 10.36 -17.26 13.73
CA LEU D 67 10.24 -17.64 12.31
C LEU D 67 9.45 -18.93 12.17
N ARG D 68 9.73 -19.91 13.05
CA ARG D 68 9.00 -21.18 13.04
C ARG D 68 7.50 -20.96 13.17
N LYS D 69 7.08 -20.11 14.11
CA LYS D 69 5.65 -19.91 14.32
C LYS D 69 5.02 -19.26 13.09
N CYS D 70 5.75 -18.35 12.46
CA CYS D 70 5.26 -17.70 11.23
C CYS D 70 4.97 -18.71 10.12
N LEU D 71 5.91 -19.61 9.86
CA LEU D 71 5.71 -20.61 8.83
C LEU D 71 4.55 -21.51 9.18
N GLN D 72 4.51 -21.96 10.43
CA GLN D 72 3.46 -22.85 10.88
C GLN D 72 2.08 -22.19 10.80
N ALA D 73 2.03 -20.86 10.85
CA ALA D 73 0.75 -20.19 10.63
C ALA D 73 0.49 -19.98 9.12
N GLY D 74 1.43 -20.42 8.28
CA GLY D 74 1.27 -20.29 6.84
C GLY D 74 1.67 -19.00 6.17
N MET D 75 2.50 -18.17 6.82
CA MET D 75 2.95 -16.90 6.23
C MET D 75 3.87 -17.14 5.04
N THR D 76 3.68 -16.40 3.97
CA THR D 76 4.50 -16.60 2.79
C THR D 76 4.69 -15.33 1.93
N LEU D 77 5.71 -15.36 1.05
CA LEU D 77 5.95 -14.27 0.10
C LEU D 77 5.31 -14.54 -1.26
N GLY D 78 5.56 -13.63 -2.21
CA GLY D 78 4.88 -13.62 -3.50
C GLY D 78 5.44 -14.59 -4.53
#